data_7DT6
#
_entry.id   7DT6
#
_cell.length_a   42.930
_cell.length_b   85.430
_cell.length_c   63.690
_cell.angle_alpha   90.00
_cell.angle_beta   90.00
_cell.angle_gamma   90.00
#
_symmetry.space_group_name_H-M   'P 21 21 2'
#
loop_
_entity.id
_entity.type
_entity.pdbx_description
1 polymer Transthyretin
2 non-polymer Purpurin
3 water water
#
_entity_poly.entity_id   1
_entity_poly.type   'polypeptide(L)'
_entity_poly.pdbx_seq_one_letter_code
;MRGSHHHHHHGSMASHRLLLLCLAGLVFVSEAGPTGTGESKCPLMVKVLDAVRGSPAINVAMHVFRKAADDTWEPFASGK
TSESGELHGLTTEEEFVEGIYKVEIDTKSYWKALGISPFHEHAEVVFTANDSGPRRYTIAALLSPYSYSTTAVVTNPKE
;
_entity_poly.pdbx_strand_id   A,B
#
# COMPACT_ATOMS: atom_id res chain seq x y z
N CYS A 42 -22.32 5.84 -6.69
CA CYS A 42 -21.14 5.55 -5.87
C CYS A 42 -19.93 5.30 -6.76
N PRO A 43 -19.23 6.38 -7.14
CA PRO A 43 -18.04 6.22 -8.00
C PRO A 43 -16.84 5.61 -7.31
N LEU A 44 -16.80 5.61 -5.98
CA LEU A 44 -15.67 5.05 -5.23
C LEU A 44 -16.23 4.30 -4.04
N MET A 45 -15.92 3.01 -3.94
CA MET A 45 -16.36 2.17 -2.83
C MET A 45 -15.17 1.33 -2.38
N VAL A 46 -15.09 1.07 -1.09
CA VAL A 46 -13.99 0.29 -0.53
C VAL A 46 -14.58 -0.86 0.26
N LYS A 47 -14.08 -2.07 0.04
CA LYS A 47 -14.51 -3.26 0.77
C LYS A 47 -13.29 -3.89 1.42
N VAL A 48 -13.43 -4.28 2.68
CA VAL A 48 -12.31 -4.81 3.46
C VAL A 48 -12.73 -6.14 4.10
N LEU A 49 -11.87 -7.15 3.96
CA LEU A 49 -12.08 -8.47 4.54
C LEU A 49 -10.95 -8.82 5.50
N ASP A 50 -11.28 -9.63 6.50
CA ASP A 50 -10.35 -10.07 7.53
C ASP A 50 -10.04 -11.56 7.28
N ALA A 51 -8.79 -11.83 6.92
CA ALA A 51 -8.35 -13.17 6.56
C ALA A 51 -8.10 -14.07 7.76
N VAL A 52 -8.05 -13.50 8.97
CA VAL A 52 -7.91 -14.28 10.19
C VAL A 52 -9.26 -14.85 10.62
N ARG A 53 -10.28 -14.00 10.63
CA ARG A 53 -11.60 -14.42 11.08
C ARG A 53 -12.50 -14.94 9.97
N GLY A 54 -12.15 -14.72 8.70
CA GLY A 54 -13.04 -15.06 7.59
C GLY A 54 -14.34 -14.28 7.63
N SER A 55 -14.22 -12.97 7.74
CA SER A 55 -15.36 -12.11 7.98
CA SER A 55 -15.36 -12.10 7.99
C SER A 55 -15.10 -10.78 7.30
N PRO A 56 -16.13 -9.99 7.03
CA PRO A 56 -15.90 -8.59 6.71
C PRO A 56 -15.09 -7.95 7.82
N ALA A 57 -14.26 -6.98 7.45
CA ALA A 57 -13.53 -6.19 8.44
C ALA A 57 -14.39 -4.98 8.76
N ILE A 58 -14.93 -4.94 9.97
CA ILE A 58 -15.95 -3.96 10.35
C ILE A 58 -15.27 -2.79 11.08
N ASN A 59 -15.76 -1.58 10.85
CA ASN A 59 -15.26 -0.38 11.54
C ASN A 59 -13.80 -0.10 11.22
N VAL A 60 -13.40 -0.35 9.99
CA VAL A 60 -12.07 0.02 9.51
C VAL A 60 -12.17 1.46 9.03
N ALA A 61 -11.40 2.33 9.65
CA ALA A 61 -11.36 3.73 9.24
C ALA A 61 -10.47 3.87 8.02
N MET A 62 -10.82 4.84 7.19
CA MET A 62 -9.95 5.16 6.08
CA MET A 62 -9.97 5.15 6.05
C MET A 62 -10.09 6.63 5.71
N HIS A 63 -9.00 7.16 5.18
CA HIS A 63 -8.92 8.56 4.78
C HIS A 63 -8.47 8.61 3.34
N VAL A 64 -9.22 9.33 2.51
CA VAL A 64 -8.90 9.49 1.09
C VAL A 64 -8.33 10.88 0.89
N PHE A 65 -7.26 10.96 0.11
CA PHE A 65 -6.59 12.21 -0.19
C PHE A 65 -6.48 12.33 -1.70
N ARG A 66 -6.39 13.57 -2.18
CA ARG A 66 -6.19 13.85 -3.59
C ARG A 66 -5.01 14.77 -3.74
N LYS A 67 -4.14 14.47 -4.70
CA LYS A 67 -2.95 15.29 -4.89
C LYS A 67 -3.31 16.65 -5.46
N ALA A 68 -2.89 17.71 -4.77
CA ALA A 68 -3.17 19.06 -5.20
C ALA A 68 -2.13 19.50 -6.24
N ALA A 69 -2.33 20.70 -6.78
CA ALA A 69 -1.44 21.22 -7.81
C ALA A 69 -0.04 21.49 -7.29
N ASP A 70 0.12 21.66 -5.97
CA ASP A 70 1.42 21.87 -5.35
C ASP A 70 2.11 20.58 -4.95
N ASP A 71 1.54 19.44 -5.33
CA ASP A 71 2.10 18.11 -5.02
C ASP A 71 2.05 17.79 -3.53
N THR A 72 1.01 18.25 -2.84
CA THR A 72 0.71 17.86 -1.48
C THR A 72 -0.60 17.09 -1.48
N TRP A 73 -0.82 16.29 -0.44
CA TRP A 73 -1.99 15.43 -0.34
C TRP A 73 -3.08 16.20 0.39
N GLU A 74 -4.14 16.57 -0.32
CA GLU A 74 -5.25 17.27 0.32
C GLU A 74 -6.32 16.29 0.77
N PRO A 75 -6.89 16.49 1.96
CA PRO A 75 -7.97 15.60 2.40
C PRO A 75 -9.16 15.71 1.46
N PHE A 76 -9.69 14.54 1.10
CA PHE A 76 -10.75 14.39 0.11
C PHE A 76 -12.03 13.85 0.73
N ALA A 77 -11.96 12.69 1.37
CA ALA A 77 -13.11 12.08 2.03
C ALA A 77 -12.58 11.12 3.10
N SER A 78 -13.46 10.73 4.01
CA SER A 78 -13.09 9.69 4.99
C SER A 78 -14.35 9.00 5.47
N GLY A 79 -14.17 7.83 6.07
CA GLY A 79 -15.29 7.07 6.58
C GLY A 79 -14.80 5.80 7.23
N LYS A 80 -15.75 4.95 7.60
CA LYS A 80 -15.43 3.66 8.19
C LYS A 80 -16.30 2.57 7.57
N THR A 81 -15.78 1.36 7.51
CA THR A 81 -16.56 0.26 6.96
C THR A 81 -17.73 -0.14 7.86
N SER A 82 -18.79 -0.58 7.21
CA SER A 82 -20.01 -1.01 7.88
C SER A 82 -19.86 -2.46 8.34
N GLU A 83 -20.96 -3.04 8.84
CA GLU A 83 -20.96 -4.45 9.23
C GLU A 83 -20.72 -5.37 8.04
N SER A 84 -20.95 -4.91 6.82
CA SER A 84 -20.64 -5.71 5.64
C SER A 84 -19.19 -5.56 5.21
N GLY A 85 -18.41 -4.74 5.92
CA GLY A 85 -17.05 -4.45 5.52
C GLY A 85 -16.93 -3.48 4.38
N GLU A 86 -18.02 -2.81 4.00
CA GLU A 86 -18.02 -1.89 2.88
C GLU A 86 -18.16 -0.45 3.35
N LEU A 87 -17.55 0.46 2.60
CA LEU A 87 -17.71 1.88 2.81
C LEU A 87 -18.23 2.47 1.52
N HIS A 88 -19.45 2.98 1.55
CA HIS A 88 -20.08 3.60 0.40
C HIS A 88 -20.22 5.08 0.69
N GLY A 89 -20.63 5.82 -0.35
CA GLY A 89 -20.94 7.23 -0.21
C GLY A 89 -19.78 8.16 0.06
N LEU A 90 -18.54 7.73 -0.18
CA LEU A 90 -17.40 8.62 0.09
C LEU A 90 -17.47 9.90 -0.73
N THR A 91 -17.92 9.82 -1.98
CA THR A 91 -17.89 10.99 -2.84
C THR A 91 -19.04 10.93 -3.84
N THR A 92 -19.09 11.93 -4.71
CA THR A 92 -20.11 12.06 -5.74
C THR A 92 -19.41 12.08 -7.08
N GLU A 93 -20.18 11.78 -8.14
CA GLU A 93 -19.60 11.85 -9.48
C GLU A 93 -19.06 13.23 -9.79
N GLU A 94 -19.77 14.28 -9.36
CA GLU A 94 -19.31 15.63 -9.66
C GLU A 94 -18.01 15.95 -8.94
N GLU A 95 -17.88 15.52 -7.68
CA GLU A 95 -16.70 15.88 -6.92
C GLU A 95 -15.51 15.00 -7.21
N PHE A 96 -15.71 13.81 -7.79
CA PHE A 96 -14.57 12.91 -7.94
C PHE A 96 -14.11 13.17 -9.38
N VAL A 97 -13.23 14.15 -9.49
CA VAL A 97 -12.71 14.60 -10.77
C VAL A 97 -11.46 13.79 -11.04
N GLU A 98 -10.85 14.02 -12.20
CA GLU A 98 -9.59 13.38 -12.50
C GLU A 98 -8.56 13.81 -11.48
N GLY A 99 -7.66 12.91 -11.14
CA GLY A 99 -6.59 13.25 -10.23
C GLY A 99 -5.89 12.00 -9.76
N ILE A 100 -4.91 12.20 -8.90
CA ILE A 100 -4.23 11.10 -8.21
C ILE A 100 -4.77 11.04 -6.81
N TYR A 101 -5.30 9.88 -6.43
CA TYR A 101 -5.95 9.69 -5.15
C TYR A 101 -5.17 8.69 -4.32
N LYS A 102 -5.21 8.87 -3.02
CA LYS A 102 -4.60 7.94 -2.08
C LYS A 102 -5.67 7.54 -1.07
N VAL A 103 -5.97 6.26 -1.01
CA VAL A 103 -6.85 5.72 0.03
C VAL A 103 -5.95 5.10 1.10
N GLU A 104 -5.94 5.70 2.29
CA GLU A 104 -5.17 5.21 3.43
C GLU A 104 -6.13 4.43 4.32
N ILE A 105 -5.95 3.12 4.39
CA ILE A 105 -6.82 2.26 5.17
C ILE A 105 -6.13 2.03 6.51
N ASP A 106 -6.81 2.35 7.62
CA ASP A 106 -6.03 2.32 8.85
C ASP A 106 -6.15 0.92 9.44
N THR A 107 -5.19 0.11 9.02
CA THR A 107 -5.19 -1.30 9.37
C THR A 107 -4.63 -1.52 10.75
N LYS A 108 -3.59 -0.74 11.12
CA LYS A 108 -3.04 -0.89 12.46
C LYS A 108 -4.09 -0.59 13.51
N SER A 109 -4.86 0.50 13.30
CA SER A 109 -5.92 0.83 14.25
C SER A 109 -6.96 -0.28 14.32
N TYR A 110 -7.26 -0.92 13.18
CA TYR A 110 -8.19 -2.04 13.16
C TYR A 110 -7.67 -3.21 13.98
N TRP A 111 -6.44 -3.64 13.72
CA TRP A 111 -5.88 -4.79 14.44
C TRP A 111 -5.70 -4.48 15.92
N LYS A 112 -5.25 -3.27 16.25
CA LYS A 112 -5.04 -2.91 17.65
C LYS A 112 -6.34 -2.89 18.43
N ALA A 113 -7.43 -2.43 17.80
CA ALA A 113 -8.73 -2.49 18.46
C ALA A 113 -9.12 -3.92 18.79
N LEU A 114 -8.58 -4.89 18.05
CA LEU A 114 -8.80 -6.31 18.27
C LEU A 114 -7.72 -6.97 19.11
N GLY A 115 -6.75 -6.22 19.62
CA GLY A 115 -5.72 -6.80 20.46
C GLY A 115 -4.61 -7.53 19.73
N ILE A 116 -4.41 -7.26 18.45
CA ILE A 116 -3.33 -7.85 17.66
C ILE A 116 -2.36 -6.75 17.28
N SER A 117 -1.07 -7.05 17.41
CA SER A 117 -0.04 -6.09 17.00
C SER A 117 0.37 -6.43 15.58
N PRO A 118 -0.03 -5.65 14.57
CA PRO A 118 0.28 -6.00 13.18
C PRO A 118 1.57 -5.35 12.70
N PHE A 119 1.97 -5.69 11.48
CA PHE A 119 3.20 -5.15 10.93
C PHE A 119 3.03 -3.75 10.37
N HIS A 120 2.02 -3.55 9.53
CA HIS A 120 1.88 -2.31 8.79
C HIS A 120 1.17 -1.23 9.60
N GLU A 121 1.55 0.01 9.32
CA GLU A 121 0.82 1.15 9.88
C GLU A 121 -0.54 1.31 9.23
N HIS A 122 -0.57 1.26 7.91
CA HIS A 122 -1.83 1.33 7.19
C HIS A 122 -1.55 0.73 5.82
N ALA A 123 -2.61 0.57 5.04
CA ALA A 123 -2.48 0.19 3.65
C ALA A 123 -2.74 1.44 2.84
N GLU A 124 -1.91 1.67 1.83
CA GLU A 124 -1.93 2.91 1.05
C GLU A 124 -2.19 2.53 -0.40
N VAL A 125 -3.35 2.90 -0.93
CA VAL A 125 -3.73 2.59 -2.30
C VAL A 125 -3.70 3.89 -3.09
N VAL A 126 -2.74 4.03 -4.00
CA VAL A 126 -2.52 5.29 -4.72
C VAL A 126 -2.73 5.04 -6.20
N PHE A 127 -3.60 5.84 -6.83
CA PHE A 127 -3.97 5.58 -8.22
C PHE A 127 -4.46 6.86 -8.90
N THR A 128 -4.29 6.92 -10.21
CA THR A 128 -4.92 7.95 -11.01
C THR A 128 -6.34 7.52 -11.34
N ALA A 129 -7.29 8.42 -11.15
CA ALA A 129 -8.69 8.12 -11.40
C ALA A 129 -9.24 9.05 -12.47
N ASN A 130 -10.14 8.49 -13.30
CA ASN A 130 -10.96 9.24 -14.24
C ASN A 130 -10.15 9.91 -15.36
N ASP A 131 -8.97 9.39 -15.68
CA ASP A 131 -8.13 10.01 -16.69
C ASP A 131 -8.65 9.75 -18.11
N SER A 132 -9.45 8.71 -18.29
CA SER A 132 -10.14 8.40 -19.54
C SER A 132 -11.58 8.89 -19.57
N GLY A 133 -12.02 9.65 -18.55
CA GLY A 133 -13.42 9.88 -18.33
C GLY A 133 -13.88 9.15 -17.07
N PRO A 134 -15.10 9.44 -16.63
CA PRO A 134 -15.58 8.87 -15.36
C PRO A 134 -15.58 7.34 -15.36
N ARG A 135 -15.10 6.76 -14.26
CA ARG A 135 -15.22 5.34 -14.02
C ARG A 135 -15.72 5.13 -12.60
N ARG A 136 -16.22 3.91 -12.35
CA ARG A 136 -16.56 3.46 -11.01
C ARG A 136 -15.44 2.58 -10.48
N TYR A 137 -15.00 2.84 -9.26
CA TYR A 137 -13.87 2.13 -8.67
C TYR A 137 -14.33 1.42 -7.42
N THR A 138 -14.05 0.12 -7.34
CA THR A 138 -14.14 -0.62 -6.09
C THR A 138 -12.74 -1.02 -5.70
N ILE A 139 -12.31 -0.61 -4.51
CA ILE A 139 -11.02 -1.00 -3.95
CA ILE A 139 -11.02 -1.01 -3.95
C ILE A 139 -11.31 -2.07 -2.92
N ALA A 140 -10.75 -3.26 -3.12
CA ALA A 140 -10.88 -4.33 -2.15
C ALA A 140 -9.56 -4.50 -1.42
N ALA A 141 -9.65 -4.81 -0.13
CA ALA A 141 -8.46 -5.06 0.67
C ALA A 141 -8.69 -6.28 1.52
N LEU A 142 -7.70 -7.17 1.56
CA LEU A 142 -7.77 -8.39 2.35
C LEU A 142 -6.66 -8.32 3.38
N LEU A 143 -7.03 -8.35 4.66
CA LEU A 143 -6.10 -8.05 5.74
C LEU A 143 -5.71 -9.28 6.54
N SER A 144 -4.41 -9.42 6.77
CA SER A 144 -3.82 -10.30 7.77
C SER A 144 -2.84 -9.47 8.58
N PRO A 145 -2.45 -9.93 9.76
CA PRO A 145 -1.58 -9.07 10.59
C PRO A 145 -0.27 -8.67 9.91
N TYR A 146 0.39 -9.59 9.23
CA TYR A 146 1.66 -9.35 8.55
C TYR A 146 1.57 -9.24 7.03
N SER A 147 0.37 -9.23 6.45
CA SER A 147 0.25 -9.22 5.00
C SER A 147 -1.08 -8.58 4.64
N TYR A 148 -1.12 -7.93 3.48
CA TYR A 148 -2.41 -7.54 2.92
C TYR A 148 -2.31 -7.51 1.42
N SER A 149 -3.46 -7.62 0.78
CA SER A 149 -3.53 -7.42 -0.65
C SER A 149 -4.61 -6.39 -0.94
N THR A 150 -4.44 -5.71 -2.05
CA THR A 150 -5.44 -4.76 -2.50
C THR A 150 -5.64 -4.92 -4.00
N THR A 151 -6.89 -4.85 -4.41
CA THR A 151 -7.29 -5.07 -5.79
C THR A 151 -8.26 -3.97 -6.16
N ALA A 152 -8.22 -3.57 -7.41
CA ALA A 152 -9.16 -2.60 -7.94
C ALA A 152 -10.03 -3.25 -9.01
N VAL A 153 -11.33 -3.00 -8.93
CA VAL A 153 -12.27 -3.36 -9.98
C VAL A 153 -12.78 -2.04 -10.54
N VAL A 154 -12.51 -1.80 -11.82
CA VAL A 154 -12.81 -0.55 -12.48
C VAL A 154 -13.85 -0.84 -13.54
N THR A 155 -14.99 -0.16 -13.47
CA THR A 155 -16.05 -0.39 -14.42
C THR A 155 -16.47 0.92 -15.08
N ASN A 156 -17.05 0.81 -16.27
CA ASN A 156 -17.52 1.97 -17.01
C ASN A 156 -19.04 1.97 -17.05
N CYS B 42 22.39 -7.04 6.99
CA CYS B 42 21.27 -6.67 6.14
C CYS B 42 19.94 -6.76 6.90
N PRO B 43 19.58 -5.70 7.64
CA PRO B 43 18.33 -5.73 8.40
C PRO B 43 17.07 -5.65 7.55
N LEU B 44 17.16 -5.15 6.31
CA LEU B 44 15.98 -4.91 5.48
C LEU B 44 16.27 -5.36 4.06
N MET B 45 15.44 -6.26 3.54
CA MET B 45 15.56 -6.72 2.15
C MET B 45 14.18 -6.66 1.53
N VAL B 46 14.10 -6.31 0.25
CA VAL B 46 12.82 -6.24 -0.46
C VAL B 46 12.89 -7.18 -1.65
N LYS B 47 11.86 -7.99 -1.82
CA LYS B 47 11.76 -8.94 -2.93
C LYS B 47 10.45 -8.66 -3.65
N VAL B 48 10.52 -8.61 -4.99
CA VAL B 48 9.35 -8.25 -5.80
C VAL B 48 9.15 -9.34 -6.84
N LEU B 49 7.92 -9.82 -6.96
CA LEU B 49 7.56 -10.86 -7.90
C LEU B 49 6.49 -10.36 -8.86
N ASP B 50 6.50 -10.90 -10.07
CA ASP B 50 5.56 -10.55 -11.14
C ASP B 50 4.61 -11.73 -11.31
N ALA B 51 3.34 -11.49 -10.99
CA ALA B 51 2.31 -12.53 -11.04
C ALA B 51 1.76 -12.77 -12.44
N VAL B 52 2.06 -11.89 -13.40
CA VAL B 52 1.64 -12.10 -14.77
C VAL B 52 2.59 -13.06 -15.49
N ARG B 53 3.89 -12.82 -15.36
CA ARG B 53 4.90 -13.65 -16.00
C ARG B 53 5.42 -14.79 -15.12
N GLY B 54 5.12 -14.78 -13.83
CA GLY B 54 5.64 -15.80 -12.95
C GLY B 54 7.15 -15.74 -12.82
N SER B 55 7.66 -14.56 -12.51
CA SER B 55 9.10 -14.32 -12.53
C SER B 55 9.43 -13.33 -11.43
N PRO B 56 10.69 -13.25 -11.03
CA PRO B 56 11.12 -12.05 -10.31
C PRO B 56 10.80 -10.83 -11.14
N ALA B 57 10.49 -9.74 -10.45
CA ALA B 57 10.32 -8.45 -11.10
C ALA B 57 11.68 -7.76 -11.03
N ILE B 58 12.32 -7.63 -12.19
CA ILE B 58 13.68 -7.16 -12.30
C ILE B 58 13.70 -5.67 -12.61
N ASN B 59 14.70 -4.97 -12.07
CA ASN B 59 14.89 -3.56 -12.36
C ASN B 59 13.71 -2.72 -11.87
N VAL B 60 13.09 -3.12 -10.77
CA VAL B 60 12.04 -2.34 -10.13
C VAL B 60 12.70 -1.36 -9.17
N ALA B 61 12.47 -0.07 -9.38
CA ALA B 61 13.03 0.96 -8.52
C ALA B 61 12.17 1.12 -7.28
N MET B 62 12.82 1.46 -6.17
CA MET B 62 12.07 1.77 -4.96
C MET B 62 12.86 2.74 -4.11
N HIS B 63 12.12 3.55 -3.36
CA HIS B 63 12.70 4.47 -2.40
C HIS B 63 12.15 4.16 -1.02
N VAL B 64 13.04 4.20 -0.04
CA VAL B 64 12.68 4.03 1.36
C VAL B 64 12.80 5.38 2.04
N PHE B 65 11.81 5.70 2.86
CA PHE B 65 11.74 6.96 3.59
C PHE B 65 11.58 6.64 5.06
N ARG B 66 12.06 7.54 5.90
CA ARG B 66 11.84 7.46 7.33
C ARG B 66 11.01 8.65 7.78
N LYS B 67 10.03 8.40 8.63
CA LYS B 67 9.15 9.48 9.07
C LYS B 67 9.89 10.36 10.07
N ALA B 68 9.95 11.66 9.78
CA ALA B 68 10.64 12.60 10.66
C ALA B 68 9.69 13.09 11.74
N ALA B 69 10.23 13.90 12.66
CA ALA B 69 9.43 14.36 13.80
C ALA B 69 8.34 15.32 13.37
N ASP B 70 8.57 16.08 12.29
CA ASP B 70 7.57 16.96 11.69
C ASP B 70 6.48 16.20 10.93
N ASP B 71 6.56 14.87 10.86
CA ASP B 71 5.63 14.03 10.11
C ASP B 71 5.75 14.24 8.60
N THR B 72 6.98 14.43 8.14
CA THR B 72 7.32 14.39 6.74
C THR B 72 8.21 13.19 6.48
N TRP B 73 8.23 12.74 5.24
CA TRP B 73 9.00 11.57 4.85
C TRP B 73 10.37 11.99 4.38
N GLU B 74 11.40 11.57 5.10
CA GLU B 74 12.77 11.91 4.73
C GLU B 74 13.38 10.76 3.94
N PRO B 75 14.00 11.03 2.80
CA PRO B 75 14.69 9.97 2.07
C PRO B 75 15.68 9.24 2.97
N PHE B 76 15.75 7.92 2.79
CA PHE B 76 16.51 7.03 3.66
C PHE B 76 17.45 6.16 2.82
N ALA B 77 16.89 5.41 1.87
CA ALA B 77 17.67 4.56 0.99
C ALA B 77 16.87 4.35 -0.30
N SER B 78 17.55 3.86 -1.34
CA SER B 78 16.87 3.51 -2.58
C SER B 78 17.71 2.55 -3.38
N GLY B 79 17.09 1.92 -4.37
CA GLY B 79 17.79 1.02 -5.26
C GLY B 79 16.82 0.40 -6.24
N LYS B 80 17.31 -0.58 -7.01
CA LYS B 80 16.49 -1.31 -7.96
C LYS B 80 16.70 -2.80 -7.76
N THR B 81 15.64 -3.58 -7.96
CA THR B 81 15.77 -5.02 -7.77
C THR B 81 16.72 -5.62 -8.81
N SER B 82 17.37 -6.70 -8.38
CA SER B 82 18.33 -7.42 -9.21
C SER B 82 17.61 -8.41 -10.11
N GLU B 83 18.38 -9.25 -10.79
CA GLU B 83 17.84 -10.30 -11.64
C GLU B 83 17.02 -11.31 -10.83
N SER B 84 17.27 -11.42 -9.54
CA SER B 84 16.48 -12.31 -8.69
C SER B 84 15.26 -11.62 -8.10
N GLY B 85 15.00 -10.37 -8.48
CA GLY B 85 13.90 -9.63 -7.93
C GLY B 85 14.14 -9.10 -6.54
N GLU B 86 15.37 -9.17 -6.04
CA GLU B 86 15.69 -8.77 -4.68
C GLU B 86 16.52 -7.50 -4.68
N LEU B 87 16.34 -6.70 -3.64
CA LEU B 87 17.16 -5.53 -3.40
C LEU B 87 17.76 -5.68 -2.01
N HIS B 88 19.09 -5.79 -1.97
CA HIS B 88 19.85 -6.05 -0.76
C HIS B 88 20.69 -4.81 -0.49
N GLY B 89 21.12 -4.68 0.76
CA GLY B 89 22.06 -3.62 1.09
C GLY B 89 21.48 -2.24 1.22
N LEU B 90 20.16 -2.11 1.41
CA LEU B 90 19.55 -0.79 1.55
C LEU B 90 20.10 -0.05 2.75
N THR B 91 20.36 -0.75 3.85
CA THR B 91 20.75 -0.08 5.09
C THR B 91 21.63 -1.00 5.92
N THR B 92 22.01 -0.52 7.09
CA THR B 92 22.83 -1.28 8.03
C THR B 92 22.11 -1.31 9.37
N GLU B 93 22.52 -2.24 10.23
CA GLU B 93 21.93 -2.36 11.56
C GLU B 93 22.02 -1.05 12.32
N GLU B 94 23.20 -0.41 12.31
CA GLU B 94 23.36 0.80 13.10
C GLU B 94 22.47 1.92 12.62
N GLU B 95 22.23 1.98 11.31
CA GLU B 95 21.45 3.04 10.69
C GLU B 95 19.95 2.81 10.84
N PHE B 96 19.50 1.56 10.93
CA PHE B 96 18.07 1.33 10.83
C PHE B 96 17.60 1.23 12.27
N VAL B 97 17.20 2.37 12.80
CA VAL B 97 16.77 2.45 14.17
C VAL B 97 15.25 2.35 14.17
N GLU B 98 14.68 2.26 15.36
CA GLU B 98 13.24 2.15 15.47
C GLU B 98 12.61 3.43 14.92
N GLY B 99 11.43 3.28 14.35
CA GLY B 99 10.75 4.39 13.71
C GLY B 99 9.82 3.85 12.64
N ILE B 100 9.11 4.77 11.99
CA ILE B 100 8.20 4.42 10.91
C ILE B 100 8.90 4.62 9.59
N TYR B 101 8.84 3.60 8.73
CA TYR B 101 9.46 3.62 7.43
C TYR B 101 8.41 3.40 6.36
N LYS B 102 8.68 3.94 5.17
CA LYS B 102 7.83 3.73 4.01
C LYS B 102 8.70 3.26 2.86
N VAL B 103 8.33 2.13 2.27
CA VAL B 103 8.95 1.65 1.04
C VAL B 103 7.99 1.96 -0.09
N GLU B 104 8.41 2.79 -1.02
CA GLU B 104 7.60 3.18 -2.16
C GLU B 104 8.18 2.48 -3.38
N ILE B 105 7.46 1.51 -3.92
CA ILE B 105 7.95 0.69 -5.02
C ILE B 105 7.35 1.24 -6.30
N ASP B 106 8.20 1.51 -7.32
CA ASP B 106 7.61 2.17 -8.48
C ASP B 106 7.16 1.04 -9.40
N THR B 107 5.90 0.67 -9.19
CA THR B 107 5.29 -0.41 -9.94
C THR B 107 4.77 0.08 -11.27
N LYS B 108 4.32 1.34 -11.32
CA LYS B 108 3.81 1.87 -12.58
C LYS B 108 4.88 1.82 -13.66
N SER B 109 6.10 2.27 -13.34
CA SER B 109 7.17 2.26 -14.33
C SER B 109 7.51 0.84 -14.77
N TYR B 110 7.45 -0.11 -13.83
CA TYR B 110 7.70 -1.51 -14.17
C TYR B 110 6.72 -2.00 -15.22
N TRP B 111 5.42 -1.78 -14.99
CA TRP B 111 4.41 -2.27 -15.92
C TRP B 111 4.48 -1.54 -17.25
N LYS B 112 4.70 -0.23 -17.21
CA LYS B 112 4.77 0.52 -18.46
C LYS B 112 5.96 0.06 -19.30
N ALA B 113 7.08 -0.30 -18.68
CA ALA B 113 8.21 -0.81 -19.43
C ALA B 113 7.89 -2.14 -20.10
N LEU B 114 6.91 -2.88 -19.60
CA LEU B 114 6.44 -4.11 -20.21
C LEU B 114 5.28 -3.89 -21.16
N GLY B 115 4.85 -2.64 -21.35
CA GLY B 115 3.75 -2.36 -22.25
C GLY B 115 2.39 -2.66 -21.69
N ILE B 116 2.23 -2.62 -20.36
CA ILE B 116 0.98 -2.94 -19.69
C ILE B 116 0.54 -1.72 -18.88
N SER B 117 -0.76 -1.42 -18.91
CA SER B 117 -1.28 -0.25 -18.22
C SER B 117 -1.76 -0.66 -16.83
N PRO B 118 -1.02 -0.31 -15.77
CA PRO B 118 -1.39 -0.67 -14.39
C PRO B 118 -2.38 0.28 -13.73
N PHE B 119 -2.99 -0.20 -12.65
CA PHE B 119 -3.87 0.62 -11.81
C PHE B 119 -3.11 1.58 -10.87
N HIS B 120 -2.15 1.06 -10.11
CA HIS B 120 -1.56 1.81 -9.01
C HIS B 120 -0.43 2.73 -9.49
N GLU B 121 -0.30 3.89 -8.85
CA GLU B 121 0.85 4.77 -9.10
C GLU B 121 2.13 4.13 -8.57
N HIS B 122 2.06 3.60 -7.36
CA HIS B 122 3.14 2.82 -6.80
CA HIS B 122 3.16 2.86 -6.74
C HIS B 122 2.55 1.87 -5.77
N ALA B 123 3.40 1.02 -5.23
CA ALA B 123 3.01 0.18 -4.11
C ALA B 123 3.69 0.80 -2.92
N GLU B 124 2.97 0.85 -1.80
CA GLU B 124 3.47 1.51 -0.61
C GLU B 124 3.45 0.51 0.52
N VAL B 125 4.55 0.43 1.27
CA VAL B 125 4.61 -0.44 2.45
C VAL B 125 5.07 0.46 3.59
N VAL B 126 4.19 0.68 4.57
CA VAL B 126 4.47 1.59 5.67
C VAL B 126 4.43 0.77 6.95
N PHE B 127 5.49 0.84 7.76
CA PHE B 127 5.60 -0.06 8.90
C PHE B 127 6.50 0.55 9.95
N THR B 128 6.38 0.07 11.19
CA THR B 128 7.28 0.47 12.28
C THR B 128 8.35 -0.61 12.44
N ALA B 129 9.62 -0.19 12.46
CA ALA B 129 10.70 -1.09 12.82
C ALA B 129 10.77 -1.15 14.33
N ASN B 130 10.83 -2.36 14.89
CA ASN B 130 10.71 -2.56 16.34
C ASN B 130 11.81 -3.50 16.83
N ASP B 131 12.60 -3.02 17.79
CA ASP B 131 13.70 -3.83 18.32
C ASP B 131 13.22 -4.94 19.25
N SER B 132 12.01 -4.83 19.80
CA SER B 132 11.49 -5.89 20.66
C SER B 132 11.29 -7.20 19.91
N GLY B 133 11.25 -7.16 18.58
CA GLY B 133 11.00 -8.33 17.79
C GLY B 133 12.23 -8.87 17.09
N PRO B 134 12.01 -9.71 16.08
CA PRO B 134 13.14 -10.32 15.35
C PRO B 134 13.94 -9.30 14.55
N ARG B 135 15.15 -9.72 14.17
CA ARG B 135 16.17 -8.79 13.70
C ARG B 135 16.01 -8.40 12.23
N ARG B 136 15.62 -9.33 11.37
CA ARG B 136 15.71 -9.14 9.92
C ARG B 136 14.32 -9.03 9.30
N TYR B 137 14.14 -8.05 8.44
CA TYR B 137 12.86 -7.80 7.77
C TYR B 137 13.02 -8.09 6.29
N THR B 138 12.20 -8.99 5.78
CA THR B 138 12.02 -9.15 4.35
C THR B 138 10.64 -8.64 4.01
N ILE B 139 10.58 -7.67 3.11
CA ILE B 139 9.32 -7.19 2.57
C ILE B 139 9.15 -7.83 1.21
N ALA B 140 8.10 -8.60 1.03
CA ALA B 140 7.79 -9.17 -0.27
C ALA B 140 6.61 -8.45 -0.89
N ALA B 141 6.66 -8.22 -2.19
CA ALA B 141 5.57 -7.62 -2.93
C ALA B 141 5.29 -8.47 -4.15
N LEU B 142 4.04 -8.85 -4.33
CA LEU B 142 3.58 -9.63 -5.48
C LEU B 142 2.74 -8.73 -6.34
N LEU B 143 3.16 -8.53 -7.59
CA LEU B 143 2.56 -7.51 -8.43
C LEU B 143 1.70 -8.10 -9.55
N SER B 144 0.50 -7.56 -9.70
CA SER B 144 -0.33 -7.72 -10.89
C SER B 144 -0.76 -6.34 -11.34
N PRO B 145 -1.25 -6.20 -12.58
CA PRO B 145 -1.59 -4.84 -13.04
C PRO B 145 -2.60 -4.13 -12.15
N TYR B 146 -3.67 -4.80 -11.73
CA TYR B 146 -4.74 -4.24 -10.92
C TYR B 146 -4.71 -4.63 -9.46
N SER B 147 -3.67 -5.34 -9.01
CA SER B 147 -3.65 -5.85 -7.65
C SER B 147 -2.22 -5.99 -7.17
N TYR B 148 -2.01 -5.83 -5.87
CA TYR B 148 -0.74 -6.28 -5.32
C TYR B 148 -0.93 -6.75 -3.90
N SER B 149 -0.03 -7.60 -3.47
CA SER B 149 0.00 -8.01 -2.08
C SER B 149 1.38 -7.73 -1.55
N THR B 150 1.44 -7.48 -0.25
CA THR B 150 2.73 -7.31 0.38
C THR B 150 2.72 -8.03 1.71
N THR B 151 3.85 -8.65 2.02
CA THR B 151 4.00 -9.53 3.16
C THR B 151 5.30 -9.17 3.84
N ALA B 152 5.31 -9.22 5.17
CA ALA B 152 6.54 -9.04 5.92
C ALA B 152 6.91 -10.36 6.57
N VAL B 153 8.13 -10.80 6.36
CA VAL B 153 8.69 -11.98 6.98
C VAL B 153 9.79 -11.48 7.89
N VAL B 154 9.58 -11.61 9.19
CA VAL B 154 10.49 -11.03 10.19
C VAL B 154 11.11 -12.17 10.99
N THR B 155 12.44 -12.31 10.90
CA THR B 155 13.14 -13.46 11.43
C THR B 155 14.36 -13.01 12.24
N ASN B 156 15.04 -13.99 12.84
CA ASN B 156 16.27 -13.74 13.59
C ASN B 156 17.47 -14.31 12.85
#